data_6U3F
#
_entry.id   6U3F
#
_cell.length_a   49.249
_cell.length_b   49.249
_cell.length_c   266.867
_cell.angle_alpha   90.000
_cell.angle_beta   90.000
_cell.angle_gamma   120.000
#
_symmetry.space_group_name_H-M   'P 32 2 1'
#
loop_
_entity.id
_entity.type
_entity.pdbx_description
1 polymer 'Panton-Valentine Leucocidin F'
2 non-polymer fos-choline-14
3 non-polymer 'SULFATE ION'
4 water water
#
_entity_poly.entity_id   1
_entity_poly.type   'polypeptide(L)'
_entity_poly.pdbx_seq_one_letter_code
;AQHITPVSEKKVDDKITLYKTTATSDSDKLKISQILTFNFIKDKSYDKDTLILKAAGNIYSGYTKPNPKDTISSQFYWGS
KYNISINSDSNDSVNVVDYAPKNQNEEFQVQQTVGYSYGGDINISNGLSGGGNGSKSFSETINYKQESYRTSLDKRTNFK
KIGWDVEAHKIMNNGWGPYGRDSYHSTYGNEMFLGSRQSNLNAGQNFLEYHKMPVLSRGNFNPEFIGVLSRKQNAAKKSK
ITVTYQREMDRYTNFWNQLHWIGNNYKDENRATHTSIYEVDWENHTVKLIDTQSKEKNPMS
;
_entity_poly.pdbx_strand_id   A
#
loop_
_chem_comp.id
_chem_comp.type
_chem_comp.name
_chem_comp.formula
PQJ non-polymer fos-choline-14 'C19 H43 N O4 P'
SO4 non-polymer 'SULFATE ION' 'O4 S -2'
#
# COMPACT_ATOMS: atom_id res chain seq x y z
N ALA A 1 -9.54 -6.91 -14.45
CA ALA A 1 -8.79 -7.29 -15.68
C ALA A 1 -7.40 -7.82 -15.31
N GLN A 2 -6.66 -8.38 -16.29
CA GLN A 2 -5.24 -8.67 -16.10
C GLN A 2 -4.48 -8.67 -17.43
N HIS A 3 -3.20 -8.26 -17.38
CA HIS A 3 -2.38 -8.18 -18.58
C HIS A 3 -0.90 -8.23 -18.21
N ILE A 4 -0.11 -8.95 -19.04
CA ILE A 4 1.35 -8.91 -18.91
C ILE A 4 1.98 -8.50 -20.24
N THR A 5 2.87 -7.52 -20.18
CA THR A 5 3.47 -7.00 -21.42
C THR A 5 4.51 -7.98 -21.88
N PRO A 6 4.85 -7.97 -23.21
CA PRO A 6 6.05 -8.68 -23.61
C PRO A 6 7.31 -8.12 -22.95
N VAL A 7 8.32 -8.97 -22.79
CA VAL A 7 9.58 -8.55 -22.20
C VAL A 7 10.24 -7.59 -23.15
N SER A 8 10.73 -6.47 -22.63
CA SER A 8 11.51 -5.62 -23.51
C SER A 8 12.94 -5.55 -23.01
N GLU A 9 13.89 -5.47 -23.95
CA GLU A 9 15.30 -5.65 -23.66
C GLU A 9 16.02 -4.33 -23.97
N LYS A 10 16.77 -3.80 -23.00
CA LYS A 10 17.51 -2.55 -23.18
C LYS A 10 18.94 -2.76 -22.65
N LYS A 11 19.99 -2.47 -23.44
CA LYS A 11 21.34 -2.51 -22.87
C LYS A 11 21.55 -1.29 -21.96
N VAL A 12 22.03 -1.50 -20.73
CA VAL A 12 22.32 -0.40 -19.82
C VAL A 12 23.76 0.05 -20.02
N ASP A 13 24.60 -0.88 -20.48
CA ASP A 13 25.95 -0.68 -21.00
C ASP A 13 26.34 -2.00 -21.66
N ASP A 14 27.65 -2.31 -21.69
CA ASP A 14 28.12 -3.52 -22.36
C ASP A 14 28.16 -4.73 -21.42
N LYS A 15 27.99 -4.51 -20.11
CA LYS A 15 28.01 -5.63 -19.18
C LYS A 15 26.60 -5.82 -18.59
N ILE A 16 25.74 -4.80 -18.72
CA ILE A 16 24.48 -4.76 -17.97
C ILE A 16 23.30 -4.68 -18.95
N THR A 17 22.29 -5.55 -18.78
CA THR A 17 21.13 -5.42 -19.64
C THR A 17 19.88 -5.49 -18.77
N LEU A 18 18.86 -4.70 -19.13
CA LEU A 18 17.59 -4.61 -18.41
C LEU A 18 16.57 -5.37 -19.25
N TYR A 19 15.77 -6.26 -18.62
CA TYR A 19 14.66 -6.89 -19.28
C TYR A 19 13.45 -6.53 -18.42
N LYS A 20 12.54 -5.77 -19.00
CA LYS A 20 11.43 -5.18 -18.27
C LYS A 20 10.10 -5.75 -18.74
N THR A 21 9.28 -6.25 -17.77
CA THR A 21 7.93 -6.70 -18.09
C THR A 21 6.99 -6.05 -17.07
N THR A 22 5.82 -5.63 -17.52
CA THR A 22 4.87 -4.99 -16.59
C THR A 22 3.61 -5.85 -16.51
N ALA A 23 3.28 -6.26 -15.26
CA ALA A 23 2.07 -7.06 -15.05
C ALA A 23 1.00 -6.19 -14.37
N THR A 24 -0.25 -6.29 -14.85
CA THR A 24 -1.34 -5.54 -14.23
C THR A 24 -2.45 -6.48 -13.86
N SER A 25 -3.10 -6.16 -12.76
CA SER A 25 -4.36 -6.86 -12.45
C SER A 25 -5.16 -5.93 -11.58
N ASP A 26 -6.47 -6.08 -11.69
CA ASP A 26 -7.29 -5.24 -10.85
C ASP A 26 -8.56 -5.96 -10.44
N SER A 27 -9.21 -5.42 -9.41
CA SER A 27 -10.58 -5.79 -9.08
C SER A 27 -11.39 -4.51 -9.23
N ASP A 28 -12.28 -4.50 -10.22
CA ASP A 28 -13.13 -3.32 -10.32
C ASP A 28 -14.11 -3.25 -9.16
N LYS A 29 -14.51 -4.38 -8.61
CA LYS A 29 -15.48 -4.26 -7.55
C LYS A 29 -14.86 -3.56 -6.35
N LEU A 30 -13.60 -3.91 -6.06
CA LEU A 30 -12.98 -3.37 -4.83
C LEU A 30 -12.21 -2.09 -5.09
N LYS A 31 -12.01 -1.70 -6.36
CA LYS A 31 -11.23 -0.56 -6.77
C LYS A 31 -9.86 -0.73 -6.13
N ILE A 32 -9.27 -1.92 -6.38
CA ILE A 32 -7.85 -2.09 -6.09
C ILE A 32 -7.19 -2.52 -7.38
N SER A 33 -6.09 -1.82 -7.70
CA SER A 33 -5.38 -2.20 -8.92
C SER A 33 -3.88 -2.22 -8.70
N GLN A 34 -3.24 -3.25 -9.26
CA GLN A 34 -1.80 -3.39 -9.16
C GLN A 34 -1.16 -3.10 -10.52
N ILE A 35 -0.05 -2.35 -10.48
CA ILE A 35 0.76 -2.16 -11.68
C ILE A 35 2.19 -2.52 -11.27
N LEU A 36 2.62 -3.71 -11.70
CA LEU A 36 3.88 -4.29 -11.22
C LEU A 36 4.93 -4.20 -12.31
N THR A 37 6.00 -3.48 -12.02
CA THR A 37 7.05 -3.40 -13.05
C THR A 37 8.18 -4.34 -12.63
N PHE A 38 8.38 -5.39 -13.44
CA PHE A 38 9.48 -6.34 -13.17
C PHE A 38 10.73 -5.93 -13.93
N ASN A 39 11.72 -5.29 -13.26
CA ASN A 39 12.99 -4.91 -13.86
C ASN A 39 14.00 -6.00 -13.52
N PHE A 40 14.30 -6.87 -14.52
CA PHE A 40 15.34 -7.88 -14.34
C PHE A 40 16.66 -7.32 -14.85
N ILE A 41 17.67 -7.35 -13.98
CA ILE A 41 19.01 -6.86 -14.35
C ILE A 41 19.92 -8.09 -14.51
N LYS A 42 20.55 -8.20 -15.69
CA LYS A 42 21.54 -9.24 -15.91
C LYS A 42 22.90 -8.58 -16.13
N ASP A 43 23.83 -8.87 -15.23
CA ASP A 43 25.11 -8.19 -15.19
C ASP A 43 26.17 -9.27 -15.43
N LYS A 44 26.94 -9.10 -16.53
CA LYS A 44 27.92 -10.10 -16.93
C LYS A 44 29.03 -10.30 -15.90
N SER A 45 29.15 -9.36 -14.96
CA SER A 45 30.14 -9.42 -13.89
C SER A 45 29.67 -10.11 -12.62
N TYR A 46 28.38 -10.48 -12.49
CA TYR A 46 27.83 -10.91 -11.21
C TYR A 46 26.99 -12.18 -11.42
N ASP A 47 27.07 -13.15 -10.50
CA ASP A 47 26.51 -14.47 -10.82
C ASP A 47 25.12 -14.65 -10.24
N LYS A 48 24.49 -13.52 -9.91
CA LYS A 48 23.11 -13.56 -9.50
C LYS A 48 22.31 -12.60 -10.38
N ASP A 49 21.05 -12.96 -10.62
CA ASP A 49 20.13 -12.05 -11.29
C ASP A 49 19.61 -11.09 -10.23
N THR A 50 19.28 -9.89 -10.64
CA THR A 50 18.65 -8.97 -9.67
C THR A 50 17.33 -8.52 -10.26
N LEU A 51 16.23 -8.65 -9.50
CA LEU A 51 14.93 -8.15 -9.88
C LEU A 51 14.64 -6.94 -8.99
N ILE A 52 14.42 -5.79 -9.64
CA ILE A 52 13.92 -4.62 -8.93
C ILE A 52 12.43 -4.48 -9.29
N LEU A 53 11.56 -4.88 -8.34
CA LEU A 53 10.13 -5.03 -8.64
C LEU A 53 9.50 -3.76 -8.07
N LYS A 54 8.86 -2.94 -8.90
CA LYS A 54 8.16 -1.77 -8.37
C LYS A 54 6.68 -2.15 -8.32
N ALA A 55 6.06 -1.86 -7.18
CA ALA A 55 4.65 -2.13 -7.01
C ALA A 55 3.89 -0.82 -6.88
N ALA A 56 3.08 -0.49 -7.89
CA ALA A 56 2.33 0.77 -7.88
C ALA A 56 0.87 0.44 -8.12
N GLY A 57 0.08 1.44 -8.49
CA GLY A 57 -1.35 1.19 -8.74
C GLY A 57 -2.23 2.04 -7.80
N ASN A 58 -3.36 1.49 -7.36
CA ASN A 58 -4.35 2.29 -6.63
C ASN A 58 -5.08 1.38 -5.62
N ILE A 59 -5.23 1.92 -4.38
CA ILE A 59 -6.08 1.20 -3.43
C ILE A 59 -7.11 2.22 -2.98
N TYR A 60 -8.39 2.00 -3.32
CA TYR A 60 -9.44 2.90 -2.83
C TYR A 60 -9.49 2.75 -1.31
N SER A 61 -9.86 3.83 -0.59
CA SER A 61 -9.85 3.85 0.88
C SER A 61 -10.97 2.98 1.42
N GLY A 62 -12.00 2.75 0.60
CA GLY A 62 -13.18 2.04 1.11
C GLY A 62 -14.14 2.95 1.90
N TYR A 63 -13.93 4.28 1.82
CA TYR A 63 -14.81 5.19 2.52
C TYR A 63 -16.24 5.05 1.99
N THR A 64 -17.21 5.16 2.92
CA THR A 64 -18.63 5.15 2.56
C THR A 64 -19.24 6.44 3.14
N LYS A 65 -20.15 7.08 2.43
CA LYS A 65 -20.67 8.39 2.85
C LYS A 65 -21.74 8.11 3.90
N PRO A 66 -21.82 8.86 4.99
CA PRO A 66 -22.95 8.65 5.90
C PRO A 66 -24.24 9.21 5.32
N ASN A 67 -25.39 8.67 5.76
CA ASN A 67 -26.63 9.23 5.26
C ASN A 67 -27.01 10.45 6.07
N PRO A 68 -27.28 11.65 5.46
CA PRO A 68 -27.67 12.81 6.26
C PRO A 68 -28.99 12.74 7.04
N LYS A 69 -29.82 11.76 6.70
CA LYS A 69 -31.08 11.59 7.41
C LYS A 69 -30.85 10.90 8.77
N ASP A 70 -29.65 10.40 9.00
CA ASP A 70 -29.43 9.68 10.27
C ASP A 70 -29.60 10.63 11.43
N THR A 71 -30.46 10.31 12.41
CA THR A 71 -30.92 11.30 13.35
C THR A 71 -29.96 11.45 14.53
N ILE A 72 -30.00 10.48 15.46
CA ILE A 72 -29.19 10.77 16.64
C ILE A 72 -27.98 9.84 16.69
N SER A 73 -27.82 9.00 15.69
CA SER A 73 -26.57 8.24 15.54
C SER A 73 -26.26 8.00 14.08
N SER A 74 -24.98 7.98 13.73
CA SER A 74 -24.59 7.79 12.35
C SER A 74 -23.21 7.11 12.29
N GLN A 75 -22.77 6.68 11.10
CA GLN A 75 -21.51 5.95 10.97
C GLN A 75 -21.05 5.96 9.50
N PHE A 76 -19.78 5.66 9.31
CA PHE A 76 -19.20 5.49 7.96
C PHE A 76 -17.93 4.67 8.10
N TYR A 77 -17.54 3.99 7.00
CA TYR A 77 -16.27 3.31 6.96
C TYR A 77 -15.26 4.33 6.43
N TRP A 78 -14.03 4.24 6.88
CA TRP A 78 -12.93 5.02 6.26
C TRP A 78 -11.67 4.15 6.16
N GLY A 79 -10.67 4.63 5.36
CA GLY A 79 -9.50 3.80 5.09
C GLY A 79 -8.40 4.08 6.10
N SER A 80 -8.22 3.15 7.06
CA SER A 80 -7.35 3.50 8.17
C SER A 80 -5.94 2.96 8.04
N LYS A 81 -5.78 1.93 7.19
CA LYS A 81 -4.45 1.36 7.09
C LYS A 81 -4.37 0.63 5.76
N TYR A 82 -3.21 0.77 5.06
CA TYR A 82 -3.06 0.03 3.79
C TYR A 82 -1.82 -0.88 4.00
N ASN A 83 -1.89 -2.07 3.38
CA ASN A 83 -0.77 -3.01 3.51
C ASN A 83 -0.40 -3.49 2.14
N ILE A 84 0.92 -3.43 1.81
CA ILE A 84 1.36 -4.02 0.53
C ILE A 84 2.44 -5.05 0.91
N SER A 85 2.29 -6.29 0.42
CA SER A 85 3.24 -7.33 0.80
C SER A 85 3.76 -7.97 -0.50
N ILE A 86 4.99 -8.49 -0.48
CA ILE A 86 5.57 -9.24 -1.57
C ILE A 86 6.17 -10.47 -0.93
N ASN A 87 5.80 -11.65 -1.42
CA ASN A 87 6.49 -12.82 -0.89
C ASN A 87 6.97 -13.74 -1.99
N SER A 88 8.11 -14.31 -1.65
CA SER A 88 8.80 -15.18 -2.57
C SER A 88 8.64 -16.62 -2.09
N ASP A 89 8.33 -17.57 -2.99
CA ASP A 89 8.18 -18.97 -2.60
C ASP A 89 8.76 -19.88 -3.68
N SER A 90 8.92 -21.18 -3.35
CA SER A 90 9.20 -22.23 -4.34
C SER A 90 10.60 -22.14 -4.95
N ASN A 91 11.54 -21.46 -4.28
CA ASN A 91 12.91 -21.51 -4.77
C ASN A 91 13.78 -20.96 -3.65
N ASP A 92 14.53 -21.88 -3.05
CA ASP A 92 15.32 -21.45 -1.90
C ASP A 92 16.47 -20.52 -2.30
N SER A 93 16.79 -20.41 -3.60
CA SER A 93 17.90 -19.55 -4.03
C SER A 93 17.44 -18.12 -4.38
N VAL A 94 16.18 -17.82 -4.10
CA VAL A 94 15.62 -16.44 -4.27
C VAL A 94 15.45 -15.80 -2.90
N ASN A 95 15.99 -14.60 -2.75
CA ASN A 95 15.92 -13.87 -1.50
C ASN A 95 15.58 -12.42 -1.76
N VAL A 96 14.81 -11.86 -0.83
CA VAL A 96 14.62 -10.42 -0.78
C VAL A 96 15.91 -9.82 -0.21
N VAL A 97 16.61 -8.93 -0.94
CA VAL A 97 17.90 -8.38 -0.54
C VAL A 97 17.89 -6.87 -0.25
N ASP A 98 16.90 -6.12 -0.78
CA ASP A 98 16.79 -4.74 -0.38
C ASP A 98 15.39 -4.26 -0.75
N TYR A 99 15.10 -3.00 -0.44
CA TYR A 99 13.70 -2.52 -0.60
C TYR A 99 13.62 -1.05 -0.26
N ALA A 100 12.59 -0.38 -0.73
CA ALA A 100 12.39 1.01 -0.36
C ALA A 100 10.90 1.19 -0.33
N PRO A 101 10.35 2.05 0.55
CA PRO A 101 11.12 2.83 1.53
C PRO A 101 11.61 2.02 2.73
N LYS A 102 12.70 2.42 3.42
CA LYS A 102 13.18 1.60 4.54
C LYS A 102 12.79 2.15 5.94
N ASN A 103 12.79 1.27 6.99
CA ASN A 103 12.73 1.78 8.37
C ASN A 103 11.30 2.26 8.62
N GLN A 104 11.10 3.54 9.06
CA GLN A 104 9.77 4.18 9.12
C GLN A 104 9.84 5.58 8.52
N ASN A 105 8.73 6.19 8.09
CA ASN A 105 8.66 7.43 7.36
C ASN A 105 7.26 8.11 7.65
N GLU A 106 7.18 9.34 8.28
CA GLU A 106 5.98 10.15 8.37
C GLU A 106 6.01 11.34 7.37
N GLU A 107 6.97 11.35 6.46
CA GLU A 107 6.98 12.43 5.48
C GLU A 107 5.64 12.55 4.74
N PHE A 108 5.26 13.78 4.34
CA PHE A 108 4.06 13.91 3.54
C PHE A 108 4.20 13.30 2.16
N GLN A 109 5.35 13.42 1.54
CA GLN A 109 5.57 12.66 0.30
C GLN A 109 6.84 11.85 0.43
N VAL A 110 6.77 10.53 0.23
CA VAL A 110 7.89 9.61 0.29
C VAL A 110 8.44 9.59 -1.15
N GLN A 111 9.73 9.90 -1.27
CA GLN A 111 10.45 9.99 -2.54
C GLN A 111 11.85 9.39 -2.33
N GLN A 112 12.12 8.27 -3.00
CA GLN A 112 13.44 7.65 -2.93
C GLN A 112 13.80 7.03 -4.28
N THR A 113 15.11 6.75 -4.44
CA THR A 113 15.62 6.15 -5.66
C THR A 113 16.33 4.88 -5.29
N VAL A 114 16.19 3.84 -6.14
CA VAL A 114 16.87 2.58 -5.90
C VAL A 114 17.78 2.43 -7.11
N GLY A 115 19.10 2.37 -6.88
CA GLY A 115 20.08 2.33 -7.97
C GLY A 115 20.82 1.00 -7.95
N TYR A 116 21.09 0.47 -9.14
CA TYR A 116 21.90 -0.74 -9.30
C TYR A 116 23.29 -0.30 -9.80
N SER A 117 24.34 -0.85 -9.20
CA SER A 117 25.71 -0.58 -9.66
C SER A 117 26.32 -1.83 -10.24
N TYR A 118 27.13 -1.64 -11.29
CA TYR A 118 27.95 -2.72 -11.85
C TYR A 118 28.57 -3.56 -10.73
N GLY A 119 28.34 -4.86 -10.76
CA GLY A 119 28.87 -5.71 -9.71
C GLY A 119 27.81 -6.20 -8.75
N GLY A 120 26.61 -5.63 -8.79
CA GLY A 120 25.55 -6.16 -7.95
C GLY A 120 25.11 -5.27 -6.78
N ASP A 121 25.74 -4.11 -6.55
CA ASP A 121 25.36 -3.39 -5.35
C ASP A 121 24.07 -2.62 -5.60
N ILE A 122 23.31 -2.44 -4.53
CA ILE A 122 22.07 -1.66 -4.63
C ILE A 122 22.24 -0.46 -3.72
N ASN A 123 21.85 0.73 -4.17
CA ASN A 123 21.97 1.85 -3.24
C ASN A 123 20.63 2.55 -3.17
N ILE A 124 20.21 2.94 -1.97
CA ILE A 124 18.96 3.64 -1.82
C ILE A 124 19.21 5.09 -1.40
N SER A 125 18.75 6.07 -2.18
CA SER A 125 18.96 7.45 -1.75
C SER A 125 17.63 8.18 -1.62
N ASN A 126 17.58 9.23 -0.78
CA ASN A 126 16.43 10.12 -0.70
C ASN A 126 16.26 10.94 -1.98
N GLY A 127 15.03 11.28 -2.33
CA GLY A 127 14.73 12.10 -3.49
C GLY A 127 14.64 11.29 -4.79
N LEU A 128 14.31 11.97 -5.89
CA LEU A 128 14.08 11.38 -7.19
C LEU A 128 15.26 11.72 -8.11
N SER A 137 23.92 3.68 -13.47
CA SER A 137 23.40 2.84 -14.58
C SER A 137 21.87 2.83 -14.55
N PHE A 138 21.30 1.81 -13.91
CA PHE A 138 19.86 1.66 -13.83
C PHE A 138 19.37 2.17 -12.46
N SER A 139 18.27 2.91 -12.47
CA SER A 139 17.59 3.13 -11.21
C SER A 139 16.07 3.18 -11.40
N GLU A 140 15.32 3.11 -10.28
CA GLU A 140 13.86 3.09 -10.28
C GLU A 140 13.50 3.99 -9.10
N THR A 141 12.35 4.66 -9.12
CA THR A 141 12.04 5.58 -8.03
C THR A 141 10.69 5.17 -7.42
N ILE A 142 10.48 5.61 -6.18
CA ILE A 142 9.14 5.61 -5.60
C ILE A 142 8.85 7.05 -5.20
N ASN A 143 7.58 7.37 -5.34
CA ASN A 143 7.01 8.69 -5.06
C ASN A 143 5.55 8.52 -4.70
N TYR A 144 5.18 8.77 -3.44
CA TYR A 144 3.78 8.67 -3.07
C TYR A 144 3.44 9.61 -1.92
N LYS A 145 2.20 10.04 -1.92
CA LYS A 145 1.78 10.95 -0.86
C LYS A 145 1.10 10.12 0.24
N GLN A 146 1.28 10.59 1.48
CA GLN A 146 0.59 9.91 2.59
C GLN A 146 0.34 10.91 3.74
N GLU A 147 -0.11 12.15 3.39
CA GLU A 147 -0.32 13.11 4.48
C GLU A 147 -1.22 12.57 5.60
N SER A 148 -0.76 12.78 6.85
CA SER A 148 -1.53 12.31 8.06
C SER A 148 -1.27 10.84 8.43
N TYR A 149 -0.54 10.11 7.56
CA TYR A 149 -0.32 8.67 7.70
C TYR A 149 1.19 8.49 7.85
N ARG A 150 1.56 7.26 8.26
CA ARG A 150 2.99 6.96 8.34
C ARG A 150 3.22 5.54 7.89
N THR A 151 4.39 5.39 7.26
CA THR A 151 4.79 4.14 6.62
C THR A 151 5.73 3.39 7.57
N SER A 152 5.43 2.10 7.77
CA SER A 152 6.37 1.31 8.57
C SER A 152 6.56 -0.07 7.91
N LEU A 153 7.75 -0.60 8.07
CA LEU A 153 7.97 -1.92 7.48
C LEU A 153 7.20 -2.97 8.26
N ASP A 154 6.75 -4.02 7.57
CA ASP A 154 6.17 -5.17 8.28
C ASP A 154 7.23 -5.73 9.24
N LYS A 155 6.87 -5.85 10.56
CA LYS A 155 7.85 -6.27 11.58
C LYS A 155 8.07 -7.78 11.62
N ARG A 156 7.58 -8.49 10.58
CA ARG A 156 7.88 -9.90 10.41
C ARG A 156 8.63 -10.12 9.09
N THR A 157 9.15 -9.04 8.50
CA THR A 157 9.89 -9.12 7.23
C THR A 157 11.06 -10.08 7.40
N ASN A 158 11.41 -10.84 6.34
CA ASN A 158 12.56 -11.71 6.38
C ASN A 158 13.06 -11.94 4.97
N PHE A 159 13.91 -12.96 4.71
CA PHE A 159 14.46 -13.00 3.36
C PHE A 159 13.46 -13.51 2.32
N LYS A 160 12.26 -13.91 2.71
CA LYS A 160 11.26 -14.47 1.77
C LYS A 160 10.07 -13.54 1.67
N LYS A 161 9.99 -12.55 2.56
CA LYS A 161 8.75 -11.78 2.50
C LYS A 161 9.05 -10.37 3.01
N ILE A 162 8.49 -9.38 2.31
CA ILE A 162 8.59 -8.00 2.76
C ILE A 162 7.20 -7.38 2.69
N GLY A 163 6.98 -6.39 3.53
CA GLY A 163 5.71 -5.69 3.38
C GLY A 163 5.83 -4.35 4.08
N TRP A 164 4.84 -3.50 3.75
CA TRP A 164 4.79 -2.19 4.36
C TRP A 164 3.37 -1.85 4.76
N ASP A 165 3.25 -1.14 5.91
CA ASP A 165 1.92 -0.69 6.33
C ASP A 165 1.92 0.84 6.29
N VAL A 166 0.81 1.43 5.85
CA VAL A 166 0.69 2.88 5.76
C VAL A 166 -0.52 3.16 6.64
N GLU A 167 -0.35 3.81 7.81
CA GLU A 167 -1.45 3.77 8.79
C GLU A 167 -1.79 5.19 9.21
N ALA A 168 -3.08 5.46 9.52
CA ALA A 168 -3.49 6.78 10.01
C ALA A 168 -2.75 7.06 11.33
N HIS A 169 -2.19 8.27 11.46
CA HIS A 169 -1.26 8.62 12.59
C HIS A 169 -1.74 9.95 13.20
N LYS A 170 -1.87 10.99 12.36
CA LYS A 170 -2.02 12.34 12.90
C LYS A 170 -3.09 13.08 12.10
N ILE A 171 -4.35 12.85 12.47
CA ILE A 171 -5.51 13.38 11.73
C ILE A 171 -5.99 14.59 12.44
N MET A 172 -5.99 15.72 11.67
CA MET A 172 -6.42 16.98 12.28
C MET A 172 -7.89 17.25 11.93
N ASN A 173 -8.62 17.85 12.87
CA ASN A 173 -10.04 18.15 12.66
C ASN A 173 -10.32 19.64 12.94
N ASN A 174 -10.36 20.47 11.87
CA ASN A 174 -10.59 21.89 12.09
C ASN A 174 -9.72 22.52 13.18
N GLY A 175 -8.44 22.16 13.14
CA GLY A 175 -7.52 22.79 14.06
C GLY A 175 -7.30 21.95 15.31
N TRP A 176 -8.22 21.05 15.65
CA TRP A 176 -8.08 20.17 16.83
C TRP A 176 -7.32 18.90 16.44
N GLY A 177 -6.68 18.24 17.43
CA GLY A 177 -5.94 17.01 17.16
C GLY A 177 -4.44 17.27 17.35
N PRO A 178 -3.53 16.40 16.92
CA PRO A 178 -3.86 15.28 16.00
C PRO A 178 -4.57 14.09 16.64
N TYR A 179 -5.49 13.47 15.91
CA TYR A 179 -6.17 12.29 16.41
C TYR A 179 -5.58 11.03 15.76
N GLY A 180 -5.59 9.92 16.52
CA GLY A 180 -5.25 8.59 15.98
C GLY A 180 -6.48 7.66 16.01
N ARG A 181 -6.27 6.41 15.60
CA ARG A 181 -7.39 5.47 15.48
C ARG A 181 -8.01 5.17 16.85
N ASP A 182 -7.19 5.27 17.91
CA ASP A 182 -7.70 4.93 19.24
C ASP A 182 -7.74 6.15 20.17
N SER A 183 -7.88 7.37 19.59
CA SER A 183 -7.99 8.56 20.42
C SER A 183 -9.11 8.44 21.46
N TYR A 184 -8.80 9.01 22.62
CA TYR A 184 -9.69 8.85 23.75
C TYR A 184 -9.94 10.22 24.36
N HIS A 185 -11.21 10.50 24.67
CA HIS A 185 -11.59 11.64 25.52
C HIS A 185 -12.67 11.11 26.45
N SER A 186 -12.52 11.33 27.76
CA SER A 186 -13.48 10.73 28.72
C SER A 186 -14.89 11.30 28.57
N THR A 187 -15.08 12.48 27.98
CA THR A 187 -16.42 13.05 27.71
C THR A 187 -16.89 12.74 26.30
N TYR A 188 -16.04 13.04 25.31
CA TYR A 188 -16.50 13.12 23.94
C TYR A 188 -16.10 11.90 23.10
N GLY A 189 -15.37 10.92 23.66
CA GLY A 189 -14.95 9.72 22.94
C GLY A 189 -13.83 10.00 21.95
N ASN A 190 -13.91 9.37 20.76
CA ASN A 190 -12.88 9.63 19.76
C ASN A 190 -13.44 10.68 18.82
N GLU A 191 -12.87 11.88 18.85
CA GLU A 191 -13.52 12.96 18.06
C GLU A 191 -12.84 13.18 16.72
N MET A 192 -12.10 12.19 16.22
CA MET A 192 -11.28 12.37 15.01
C MET A 192 -12.11 12.95 13.86
N PHE A 193 -13.36 12.46 13.61
CA PHE A 193 -14.14 13.02 12.51
C PHE A 193 -15.48 13.61 12.97
N LEU A 194 -15.57 13.94 14.26
CA LEU A 194 -16.83 14.52 14.77
C LEU A 194 -16.95 15.97 14.31
N GLY A 195 -18.17 16.40 13.83
CA GLY A 195 -18.14 17.78 13.32
C GLY A 195 -18.10 18.83 14.47
N SER A 196 -19.03 18.73 15.38
CA SER A 196 -19.10 19.61 16.53
C SER A 196 -19.65 18.91 17.77
N ARG A 197 -19.23 19.39 18.94
CA ARG A 197 -19.68 18.83 20.21
C ARG A 197 -21.13 19.16 20.55
N GLN A 198 -21.65 20.27 20.04
CA GLN A 198 -23.02 20.68 20.39
C GLN A 198 -23.95 20.98 19.21
N SER A 199 -23.76 20.40 18.05
CA SER A 199 -24.53 20.67 16.85
C SER A 199 -26.01 20.36 17.04
N ASN A 200 -26.85 21.19 16.40
CA ASN A 200 -28.26 20.87 16.19
C ASN A 200 -28.51 20.07 14.93
N LEU A 201 -27.48 19.71 14.15
CA LEU A 201 -27.72 18.97 12.92
C LEU A 201 -28.02 17.51 13.23
N ASN A 202 -28.52 16.81 12.23
CA ASN A 202 -28.69 15.37 12.27
C ASN A 202 -27.28 14.76 12.44
N ALA A 203 -27.25 13.59 13.06
CA ALA A 203 -26.00 12.87 13.15
C ALA A 203 -25.33 12.69 11.79
N GLY A 204 -26.11 12.33 10.76
CA GLY A 204 -25.48 12.05 9.46
C GLY A 204 -24.84 13.28 8.85
N GLN A 205 -25.10 14.45 9.42
CA GLN A 205 -24.50 15.69 8.97
C GLN A 205 -23.41 16.17 9.94
N ASN A 206 -23.25 15.53 11.09
CA ASN A 206 -22.39 16.07 12.13
C ASN A 206 -21.01 15.40 12.10
N PHE A 207 -20.41 15.32 10.93
CA PHE A 207 -19.04 14.83 10.76
C PHE A 207 -18.19 15.92 10.09
N LEU A 208 -16.87 15.79 10.24
CA LEU A 208 -15.95 16.66 9.47
C LEU A 208 -16.21 16.58 7.97
N GLU A 209 -16.16 17.77 7.32
CA GLU A 209 -16.37 17.79 5.86
C GLU A 209 -15.44 16.84 5.15
N TYR A 210 -15.98 16.17 4.10
CA TYR A 210 -15.24 15.17 3.34
C TYR A 210 -13.87 15.70 2.90
N HIS A 211 -13.84 16.91 2.31
CA HIS A 211 -12.59 17.41 1.74
C HIS A 211 -11.60 17.79 2.85
N LYS A 212 -12.06 17.93 4.11
CA LYS A 212 -11.13 18.26 5.19
C LYS A 212 -10.55 16.96 5.79
N MET A 213 -11.17 15.81 5.47
CA MET A 213 -10.53 14.56 5.86
C MET A 213 -9.27 14.30 5.02
N PRO A 214 -8.26 13.57 5.53
CA PRO A 214 -7.15 13.15 4.70
C PRO A 214 -7.60 12.43 3.43
N VAL A 215 -6.80 12.69 2.37
CA VAL A 215 -7.03 11.96 1.10
C VAL A 215 -6.96 10.43 1.32
N LEU A 216 -6.03 9.97 2.18
CA LEU A 216 -5.91 8.53 2.35
C LEU A 216 -7.11 7.96 3.12
N SER A 217 -7.86 8.83 3.83
CA SER A 217 -8.96 8.34 4.63
C SER A 217 -10.21 8.12 3.76
N ARG A 218 -10.43 9.03 2.77
CA ARG A 218 -11.70 9.06 2.05
C ARG A 218 -11.55 8.95 0.53
N GLY A 219 -10.32 8.98 0.02
CA GLY A 219 -10.02 8.92 -1.41
C GLY A 219 -9.29 7.61 -1.76
N ASN A 220 -8.16 7.73 -2.45
CA ASN A 220 -7.43 6.56 -2.89
C ASN A 220 -5.98 6.72 -2.41
N PHE A 221 -5.33 5.61 -2.08
CA PHE A 221 -3.89 5.62 -1.83
C PHE A 221 -3.25 5.10 -3.12
N ASN A 222 -2.16 5.76 -3.54
CA ASN A 222 -1.45 5.32 -4.75
C ASN A 222 -0.06 4.85 -4.36
N PRO A 223 0.06 3.57 -3.95
CA PRO A 223 1.31 3.08 -3.37
C PRO A 223 2.41 3.14 -4.46
N GLU A 224 3.67 3.35 -4.02
CA GLU A 224 4.82 2.97 -4.86
C GLU A 224 5.90 2.42 -3.94
N PHE A 225 6.13 1.10 -4.07
CA PHE A 225 7.07 0.40 -3.21
C PHE A 225 8.01 -0.39 -4.09
N ILE A 226 9.22 -0.61 -3.63
CA ILE A 226 10.15 -1.48 -4.40
C ILE A 226 10.64 -2.61 -3.51
N GLY A 227 10.55 -3.82 -4.08
CA GLY A 227 11.30 -4.94 -3.53
C GLY A 227 12.46 -5.33 -4.44
N VAL A 228 13.63 -5.65 -3.86
CA VAL A 228 14.74 -6.11 -4.71
C VAL A 228 15.04 -7.55 -4.32
N LEU A 229 14.96 -8.44 -5.30
CA LEU A 229 15.18 -9.85 -5.04
C LEU A 229 16.37 -10.29 -5.91
N SER A 230 17.12 -11.25 -5.36
CA SER A 230 18.26 -11.78 -6.11
C SER A 230 18.06 -13.29 -6.21
N ARG A 231 18.69 -13.83 -7.26
CA ARG A 231 18.59 -15.27 -7.52
C ARG A 231 19.92 -15.72 -8.08
N LYS A 232 20.42 -16.86 -7.58
CA LYS A 232 21.69 -17.36 -8.09
C LYS A 232 21.46 -17.99 -9.47
N GLN A 233 22.32 -17.59 -10.44
CA GLN A 233 22.21 -18.06 -11.81
C GLN A 233 22.46 -19.56 -11.91
N ASN A 234 23.19 -20.11 -10.95
CA ASN A 234 23.40 -21.53 -11.15
C ASN A 234 22.30 -22.35 -10.49
N ALA A 235 21.27 -21.71 -9.90
CA ALA A 235 20.26 -22.49 -9.19
C ALA A 235 18.96 -22.56 -10.01
N ALA A 236 17.86 -23.01 -9.37
CA ALA A 236 16.68 -23.32 -10.15
C ALA A 236 16.23 -22.07 -10.87
N LYS A 237 15.52 -22.22 -11.95
CA LYS A 237 15.27 -20.99 -12.69
C LYS A 237 13.84 -20.45 -12.47
N LYS A 238 12.93 -21.19 -11.83
CA LYS A 238 11.58 -20.66 -11.66
C LYS A 238 11.34 -20.38 -10.19
N SER A 239 10.42 -19.45 -9.89
CA SER A 239 10.05 -19.24 -8.52
C SER A 239 8.65 -18.63 -8.56
N LYS A 240 8.04 -18.41 -7.38
CA LYS A 240 6.72 -17.80 -7.33
C LYS A 240 6.79 -16.50 -6.54
N ILE A 241 6.10 -15.48 -7.05
CA ILE A 241 6.02 -14.22 -6.32
C ILE A 241 4.53 -13.92 -6.11
N THR A 242 4.21 -13.56 -4.86
CA THR A 242 2.82 -13.19 -4.53
C THR A 242 2.80 -11.74 -4.09
N VAL A 243 1.93 -10.91 -4.68
CA VAL A 243 1.88 -9.50 -4.29
C VAL A 243 0.43 -9.23 -3.80
N THR A 244 0.29 -8.65 -2.61
CA THR A 244 -1.02 -8.49 -1.98
C THR A 244 -1.14 -7.00 -1.67
N TYR A 245 -2.30 -6.41 -2.10
CA TYR A 245 -2.61 -5.03 -1.76
C TYR A 245 -3.86 -5.09 -0.89
N GLN A 246 -3.82 -4.42 0.25
CA GLN A 246 -5.00 -4.51 1.13
C GLN A 246 -5.32 -3.12 1.70
N ARG A 247 -6.63 -2.84 1.87
CA ARG A 247 -7.04 -1.75 2.77
C ARG A 247 -7.68 -2.38 4.00
N GLU A 248 -7.42 -1.77 5.17
CA GLU A 248 -8.18 -2.05 6.38
C GLU A 248 -9.03 -0.81 6.62
N MET A 249 -10.29 -1.01 7.00
CA MET A 249 -11.20 0.08 7.27
C MET A 249 -11.66 0.09 8.73
N ASP A 250 -11.79 1.31 9.25
CA ASP A 250 -12.38 1.47 10.60
C ASP A 250 -13.81 1.97 10.36
N ARG A 251 -14.67 1.85 11.40
CA ARG A 251 -15.99 2.43 11.35
C ARG A 251 -15.99 3.57 12.35
N TYR A 252 -16.23 4.79 11.84
CA TYR A 252 -16.31 5.96 12.72
C TYR A 252 -17.81 6.17 12.99
N THR A 253 -18.21 6.55 14.21
CA THR A 253 -19.64 6.76 14.48
C THR A 253 -19.80 8.02 15.33
N ASN A 254 -21.04 8.54 15.39
CA ASN A 254 -21.32 9.60 16.34
C ASN A 254 -22.65 9.32 16.97
N PHE A 255 -22.92 10.01 18.06
CA PHE A 255 -24.15 9.75 18.81
C PHE A 255 -24.45 10.97 19.66
N TRP A 256 -25.72 11.34 19.73
CA TRP A 256 -26.14 12.43 20.58
C TRP A 256 -26.70 11.84 21.88
N ASN A 257 -26.13 12.27 23.02
CA ASN A 257 -26.56 11.59 24.24
C ASN A 257 -27.55 12.48 25.01
N GLN A 258 -28.15 13.50 24.38
CA GLN A 258 -29.13 14.37 25.03
C GLN A 258 -28.48 15.58 25.68
N LEU A 259 -27.15 15.61 25.89
CA LEU A 259 -26.46 16.77 26.42
C LEU A 259 -25.42 17.23 25.39
N HIS A 260 -24.80 16.28 24.69
CA HIS A 260 -23.74 16.61 23.74
C HIS A 260 -23.53 15.41 22.81
N TRP A 261 -22.60 15.59 21.85
CA TRP A 261 -22.30 14.53 20.92
C TRP A 261 -21.11 13.76 21.47
N ILE A 262 -20.95 12.53 21.02
CA ILE A 262 -19.77 11.71 21.25
C ILE A 262 -19.40 11.02 19.93
N GLY A 263 -18.12 10.71 19.79
CA GLY A 263 -17.60 9.98 18.64
C GLY A 263 -16.99 8.67 19.12
N ASN A 264 -16.95 7.70 18.21
CA ASN A 264 -16.34 6.40 18.47
C ASN A 264 -15.62 6.00 17.17
N ASN A 265 -14.55 5.24 17.34
CA ASN A 265 -13.88 4.72 16.13
C ASN A 265 -13.54 3.27 16.43
N TYR A 266 -14.09 2.36 15.61
CA TYR A 266 -13.87 0.95 15.87
C TYR A 266 -12.91 0.41 14.81
N LYS A 267 -11.77 -0.06 15.28
CA LYS A 267 -10.64 -0.43 14.37
C LYS A 267 -10.87 -1.74 13.64
N ASP A 268 -10.35 -1.80 12.41
CA ASP A 268 -10.27 -3.08 11.69
C ASP A 268 -11.64 -3.74 11.59
N GLU A 269 -12.67 -3.06 11.10
CA GLU A 269 -14.05 -3.51 10.99
C GLU A 269 -14.30 -4.19 9.65
N ASN A 270 -13.41 -3.95 8.70
CA ASN A 270 -13.46 -4.59 7.40
C ASN A 270 -12.05 -4.55 6.74
N ARG A 271 -11.80 -5.50 5.86
CA ARG A 271 -10.61 -5.45 5.03
C ARG A 271 -10.97 -5.88 3.61
N ALA A 272 -10.33 -5.23 2.58
CA ALA A 272 -10.53 -5.63 1.18
C ALA A 272 -9.12 -5.86 0.61
N THR A 273 -8.98 -6.95 -0.17
CA THR A 273 -7.64 -7.40 -0.55
C THR A 273 -7.68 -7.85 -2.00
N HIS A 274 -6.58 -7.56 -2.71
CA HIS A 274 -6.43 -8.14 -4.05
C HIS A 274 -5.01 -8.75 -4.09
N THR A 275 -4.92 -10.00 -4.51
CA THR A 275 -3.66 -10.78 -4.46
C THR A 275 -3.41 -11.37 -5.84
N SER A 276 -2.14 -11.21 -6.34
CA SER A 276 -1.81 -11.83 -7.61
C SER A 276 -0.63 -12.73 -7.33
N ILE A 277 -0.59 -13.87 -8.05
CA ILE A 277 0.52 -14.81 -7.86
C ILE A 277 1.08 -15.05 -9.24
N TYR A 278 2.41 -14.89 -9.36
CA TYR A 278 3.10 -15.05 -10.65
C TYR A 278 4.16 -16.15 -10.55
N GLU A 279 4.35 -16.83 -11.68
CA GLU A 279 5.50 -17.71 -11.78
C GLU A 279 6.56 -16.90 -12.52
N VAL A 280 7.74 -16.80 -11.93
CA VAL A 280 8.81 -16.02 -12.50
C VAL A 280 9.79 -17.01 -13.16
N ASP A 281 10.14 -16.73 -14.43
CA ASP A 281 11.18 -17.49 -15.13
C ASP A 281 12.40 -16.58 -15.19
N TRP A 282 13.39 -16.90 -14.35
CA TRP A 282 14.56 -16.06 -14.19
C TRP A 282 15.49 -16.14 -15.39
N GLU A 283 15.38 -17.25 -16.11
CA GLU A 283 16.28 -17.42 -17.26
C GLU A 283 15.80 -16.52 -18.40
N ASN A 284 14.47 -16.43 -18.62
CA ASN A 284 13.93 -15.72 -19.77
C ASN A 284 13.35 -14.36 -19.36
N HIS A 285 13.47 -14.06 -18.06
CA HIS A 285 13.04 -12.76 -17.55
C HIS A 285 11.56 -12.51 -17.79
N THR A 286 10.72 -13.51 -17.55
CA THR A 286 9.31 -13.44 -17.88
C THR A 286 8.50 -13.76 -16.63
N VAL A 287 7.24 -13.29 -16.60
CA VAL A 287 6.34 -13.68 -15.50
C VAL A 287 5.05 -14.13 -16.17
N LYS A 288 4.41 -15.09 -15.54
CA LYS A 288 3.17 -15.67 -16.01
C LYS A 288 2.24 -15.70 -14.82
N LEU A 289 0.97 -15.29 -15.05
CA LEU A 289 0.00 -15.25 -13.95
C LEU A 289 -0.43 -16.68 -13.58
N ILE A 290 -0.39 -17.02 -12.30
CA ILE A 290 -0.90 -18.27 -11.78
C ILE A 290 -2.31 -18.05 -11.24
N ASP A 291 -2.57 -16.90 -10.57
CA ASP A 291 -3.92 -16.72 -10.07
C ASP A 291 -4.07 -15.29 -9.59
N THR A 292 -5.32 -14.82 -9.49
CA THR A 292 -5.55 -13.61 -8.72
C THR A 292 -6.75 -13.90 -7.84
N GLN A 293 -6.80 -13.26 -6.69
CA GLN A 293 -7.98 -13.44 -5.85
C GLN A 293 -8.31 -12.10 -5.20
N SER A 294 -9.59 -11.80 -5.11
CA SER A 294 -10.09 -10.53 -4.56
C SER A 294 -11.10 -10.85 -3.46
N LYS A 295 -10.99 -10.15 -2.30
CA LYS A 295 -11.89 -10.55 -1.21
C LYS A 295 -12.22 -9.34 -0.35
N GLU A 296 -13.39 -9.40 0.34
CA GLU A 296 -13.71 -8.32 1.25
C GLU A 296 -14.65 -8.89 2.31
N LYS A 297 -14.35 -8.59 3.57
CA LYS A 297 -14.89 -9.37 4.69
C LYS A 297 -16.31 -8.92 4.99
N ASN A 298 -16.50 -7.60 5.04
CA ASN A 298 -17.79 -7.12 5.58
C ASN A 298 -18.25 -5.81 4.90
N PRO A 299 -18.58 -5.86 3.59
CA PRO A 299 -18.99 -4.65 2.87
C PRO A 299 -20.17 -3.98 3.54
N MET A 300 -20.20 -2.66 3.42
CA MET A 300 -21.35 -1.89 3.84
C MET A 300 -21.66 -0.89 2.73
N SER A 301 -22.97 -0.59 2.52
CA SER A 301 -23.47 0.50 1.68
C SER A 301 -23.17 1.90 2.26
O2 PQJ B . -17.85 21.75 18.92
P1 PQJ B . -16.40 22.10 18.85
O3 PQJ B . -15.79 22.90 20.00
O4 PQJ B . -15.60 20.71 18.95
C1 PQJ B . -14.20 20.76 18.94
C2 PQJ B . -13.59 19.36 18.80
N1 PQJ B . -13.82 18.73 17.49
C5 PQJ B . -15.19 18.15 17.42
C4 PQJ B . -13.56 19.55 16.27
C3 PQJ B . -12.82 17.63 17.37
O1 PQJ B . -16.06 22.81 17.46
C6 PQJ B . -16.38 22.33 16.12
O2 PQJ C . -31.74 14.70 14.80
P1 PQJ C . -31.80 16.08 15.41
O3 PQJ C . -31.30 17.26 14.60
O4 PQJ C . -30.90 15.98 16.83
C1 PQJ C . -29.64 16.64 17.08
C2 PQJ C . -29.48 17.34 18.45
N1 PQJ C . -30.32 18.54 18.79
C5 PQJ C . -29.57 19.65 19.40
C4 PQJ C . -31.11 19.10 17.65
C3 PQJ C . -31.28 18.12 19.82
O1 PQJ C . -33.41 16.38 15.63
C6 PQJ C . -34.36 16.82 14.63
C7 PQJ C . -34.41 18.35 14.54
S SO4 D . -10.86 19.37 25.85
O1 SO4 D . -11.72 20.49 25.55
O2 SO4 D . -11.40 18.65 26.97
O3 SO4 D . -9.54 19.85 26.20
O4 SO4 D . -10.73 18.51 24.70
S SO4 E . -8.73 10.82 -4.85
O1 SO4 E . -8.42 12.22 -5.03
O2 SO4 E . -10.04 10.69 -4.25
O3 SO4 E . -7.70 10.24 -4.02
O4 SO4 E . -8.73 10.18 -6.15
#